data_3CM1
#
_entry.id   3CM1
#
_cell.length_a   64.840
_cell.length_b   64.840
_cell.length_c   130.600
_cell.angle_alpha   90.000
_cell.angle_beta   90.000
_cell.angle_gamma   90.000
#
_symmetry.space_group_name_H-M   'P 41'
#
_entity_poly.entity_id   1
_entity_poly.type   'polypeptide(L)'
_entity_poly.pdbx_seq_one_letter_code
;G(MSE)SSSGTSITCEVGLQLIVPDRAPVPLVARLDYSVDDPYAIRAAFHVGDDEPVEWIFARELLTVGIIRETGEGDVR
IWPSQDGKER(MSE)VNIALSSPFGQARFHAQVAPLSEFLHRTYELVPAGQESDYIDIDAEIAEHLS
;
_entity_poly.pdbx_strand_id   A,B,C
#
# COMPACT_ATOMS: atom_id res chain seq x y z
N MSE A 2 3.14 24.24 6.30
CA MSE A 2 2.50 23.27 7.24
C MSE A 2 1.00 23.58 7.34
O MSE A 2 0.57 24.32 8.22
CB MSE A 2 3.19 23.32 8.61
CG MSE A 2 2.69 22.32 9.67
SE MSE A 2 3.12 20.39 9.36
CE MSE A 2 3.14 19.77 11.26
N SER A 3 0.23 22.98 6.42
CA SER A 3 -1.23 23.16 6.35
C SER A 3 -1.98 22.71 7.60
N SER A 4 -3.13 23.34 7.83
CA SER A 4 -4.00 23.05 8.97
C SER A 4 -4.46 21.61 8.94
N SER A 5 -4.73 21.06 10.13
CA SER A 5 -5.18 19.68 10.25
C SER A 5 -6.47 19.42 9.46
N GLY A 6 -7.27 20.45 9.19
CA GLY A 6 -8.53 20.21 8.50
C GLY A 6 -8.53 20.27 6.98
N THR A 7 -7.43 20.72 6.39
CA THR A 7 -7.43 21.05 4.98
C THR A 7 -7.74 19.88 4.06
N SER A 8 -8.48 20.18 3.00
CA SER A 8 -9.01 19.17 2.08
C SER A 8 -9.31 19.80 0.71
N ILE A 9 -9.17 19.04 -0.36
CA ILE A 9 -9.56 19.53 -1.70
C ILE A 9 -10.38 18.48 -2.42
N THR A 10 -11.24 18.96 -3.30
CA THR A 10 -12.12 18.09 -4.06
C THR A 10 -12.22 18.60 -5.47
N CYS A 11 -12.39 17.71 -6.41
CA CYS A 11 -12.78 18.12 -7.77
C CYS A 11 -13.60 17.03 -8.45
N GLU A 12 -14.15 17.38 -9.61
CA GLU A 12 -14.91 16.47 -10.42
C GLU A 12 -14.21 16.27 -11.75
N VAL A 13 -14.21 15.04 -12.22
CA VAL A 13 -13.51 14.67 -13.44
C VAL A 13 -14.39 13.81 -14.36
N GLY A 14 -14.38 14.12 -15.65
CA GLY A 14 -15.11 13.36 -16.66
C GLY A 14 -14.40 12.05 -16.93
N LEU A 15 -15.17 10.97 -16.93
CA LEU A 15 -14.65 9.62 -17.13
C LEU A 15 -15.51 8.84 -18.08
N GLN A 16 -15.00 7.69 -18.52
CA GLN A 16 -15.74 6.74 -19.33
C GLN A 16 -15.54 5.36 -18.74
N LEU A 17 -16.61 4.58 -18.66
CA LEU A 17 -16.56 3.19 -18.26
C LEU A 17 -16.47 2.37 -19.54
N ILE A 18 -15.31 1.75 -19.80
CA ILE A 18 -15.10 0.97 -21.00
C ILE A 18 -15.42 -0.51 -20.74
N VAL A 19 -16.41 -1.03 -21.46
CA VAL A 19 -16.84 -2.42 -21.30
C VAL A 19 -16.63 -3.17 -22.62
N PRO A 20 -15.81 -4.23 -22.61
CA PRO A 20 -15.44 -5.03 -23.79
C PRO A 20 -16.37 -5.01 -25.02
N ASP A 21 -17.53 -5.65 -24.95
CA ASP A 21 -18.43 -5.76 -26.12
C ASP A 21 -19.55 -4.72 -26.09
N ARG A 22 -19.29 -3.54 -25.50
CA ARG A 22 -20.29 -2.46 -25.40
C ARG A 22 -19.65 -1.08 -25.64
N ALA A 23 -20.47 -0.11 -26.04
CA ALA A 23 -19.99 1.26 -26.25
C ALA A 23 -19.67 1.91 -24.89
N PRO A 24 -18.78 2.91 -24.87
CA PRO A 24 -18.41 3.65 -23.66
C PRO A 24 -19.59 4.35 -22.99
N VAL A 25 -19.56 4.42 -21.67
CA VAL A 25 -20.59 5.10 -20.89
C VAL A 25 -19.95 6.27 -20.13
N PRO A 26 -20.37 7.51 -20.41
CA PRO A 26 -19.76 8.63 -19.69
C PRO A 26 -20.26 8.70 -18.25
N LEU A 27 -19.39 9.13 -17.35
CA LEU A 27 -19.69 9.26 -15.93
C LEU A 27 -18.77 10.29 -15.28
N VAL A 28 -19.22 10.92 -14.20
CA VAL A 28 -18.41 11.89 -13.51
C VAL A 28 -17.93 11.30 -12.18
N ALA A 29 -16.65 11.48 -11.88
CA ALA A 29 -16.03 10.99 -10.65
C ALA A 29 -15.62 12.14 -9.78
N ARG A 30 -15.89 12.02 -8.48
CA ARG A 30 -15.47 13.03 -7.51
C ARG A 30 -14.20 12.55 -6.83
N LEU A 31 -13.11 13.28 -7.05
CA LEU A 31 -11.85 12.97 -6.37
C LEU A 31 -11.70 13.88 -5.17
N ASP A 32 -11.24 13.34 -4.04
CA ASP A 32 -10.84 14.21 -2.96
C ASP A 32 -9.68 13.73 -2.12
N TYR A 33 -8.99 14.72 -1.56
CA TYR A 33 -7.78 14.52 -0.81
C TYR A 33 -7.85 15.33 0.47
N SER A 34 -7.50 14.70 1.58
CA SER A 34 -7.49 15.34 2.89
C SER A 34 -6.12 15.20 3.55
N VAL A 35 -5.56 16.30 4.06
CA VAL A 35 -4.23 16.20 4.71
C VAL A 35 -4.22 15.23 5.88
N ASP A 36 -5.37 14.97 6.51
CA ASP A 36 -5.50 13.93 7.57
C ASP A 36 -5.31 12.50 7.08
N ASP A 37 -5.37 12.28 5.77
CA ASP A 37 -5.14 10.95 5.20
C ASP A 37 -4.20 11.19 4.03
N PRO A 38 -2.97 11.62 4.34
CA PRO A 38 -2.03 12.20 3.38
C PRO A 38 -1.50 11.28 2.28
N TYR A 39 -1.60 9.95 2.45
CA TYR A 39 -1.17 9.03 1.40
C TYR A 39 -2.31 8.58 0.50
N ALA A 40 -3.54 8.99 0.79
CA ALA A 40 -4.75 8.50 0.09
C ALA A 40 -5.42 9.52 -0.84
N ILE A 41 -6.15 8.98 -1.82
CA ILE A 41 -7.04 9.73 -2.69
C ILE A 41 -8.33 8.91 -2.63
N ARG A 42 -9.43 9.56 -2.30
CA ARG A 42 -10.76 8.94 -2.41
C ARG A 42 -11.31 9.26 -3.81
N ALA A 43 -12.05 8.34 -4.40
CA ALA A 43 -12.69 8.59 -5.70
C ALA A 43 -14.09 8.00 -5.67
N ALA A 44 -15.10 8.87 -5.84
CA ALA A 44 -16.49 8.44 -5.85
C ALA A 44 -17.03 8.46 -7.28
N PHE A 45 -17.23 7.27 -7.85
CA PHE A 45 -17.72 7.11 -9.21
C PHE A 45 -19.22 6.93 -9.17
N HIS A 46 -19.92 7.47 -10.17
CA HIS A 46 -21.35 7.25 -10.31
C HIS A 46 -21.81 7.49 -11.74
N VAL A 47 -22.77 6.69 -12.18
CA VAL A 47 -23.29 6.75 -13.55
C VAL A 47 -24.61 7.52 -13.62
N GLY A 48 -24.60 8.71 -14.22
CA GLY A 48 -25.81 9.51 -14.41
C GLY A 48 -26.42 10.02 -13.11
N ASP A 49 -27.68 9.70 -12.87
CA ASP A 49 -28.40 10.09 -11.63
C ASP A 49 -28.15 9.11 -10.48
N ASP A 50 -26.93 8.61 -10.34
CA ASP A 50 -26.64 7.55 -9.37
C ASP A 50 -25.89 8.03 -8.13
N GLU A 51 -26.28 7.47 -6.97
CA GLU A 51 -25.55 7.68 -5.73
C GLU A 51 -24.19 7.00 -5.92
N PRO A 52 -23.11 7.60 -5.39
CA PRO A 52 -21.81 6.98 -5.64
C PRO A 52 -21.43 5.74 -4.81
N VAL A 53 -20.42 5.05 -5.35
CA VAL A 53 -19.62 3.99 -4.72
C VAL A 53 -18.25 4.62 -4.59
N GLU A 54 -17.61 4.46 -3.44
CA GLU A 54 -16.32 5.11 -3.17
C GLU A 54 -15.13 4.15 -3.14
N TRP A 55 -14.10 4.50 -3.92
CA TRP A 55 -12.84 3.77 -3.93
C TRP A 55 -11.84 4.64 -3.25
N ILE A 56 -10.90 4.02 -2.56
CA ILE A 56 -9.84 4.74 -1.89
C ILE A 56 -8.52 4.08 -2.25
N PHE A 57 -7.56 4.83 -2.75
CA PHE A 57 -6.25 4.25 -3.04
C PHE A 57 -5.12 5.19 -2.79
N ALA A 58 -3.92 4.65 -2.84
CA ALA A 58 -2.70 5.42 -2.62
C ALA A 58 -2.54 6.50 -3.69
N ARG A 59 -2.30 7.71 -3.23
CA ARG A 59 -1.99 8.82 -4.14
C ARG A 59 -0.84 8.50 -5.08
N GLU A 60 0.23 7.89 -4.55
CA GLU A 60 1.40 7.57 -5.38
C GLU A 60 1.07 6.62 -6.54
N LEU A 61 0.06 5.79 -6.37
CA LEU A 61 -0.27 4.81 -7.39
C LEU A 61 -0.79 5.56 -8.62
N LEU A 62 -1.54 6.63 -8.41
CA LEU A 62 -2.07 7.42 -9.51
C LEU A 62 -0.99 8.27 -10.17
N THR A 63 -0.07 8.81 -9.38
CA THR A 63 1.06 9.58 -9.91
C THR A 63 1.94 8.71 -10.82
N VAL A 64 2.20 7.48 -10.38
CA VAL A 64 3.03 6.53 -11.12
C VAL A 64 2.30 6.00 -12.36
N GLY A 65 1.01 5.68 -12.19
CA GLY A 65 0.14 5.12 -13.25
C GLY A 65 -0.09 6.01 -14.45
N ILE A 66 0.06 7.32 -14.27
CA ILE A 66 0.02 8.27 -15.39
C ILE A 66 1.28 8.09 -16.25
N ILE A 67 2.39 7.66 -15.64
CA ILE A 67 3.66 7.48 -16.34
C ILE A 67 3.89 6.05 -16.83
N ARG A 68 3.51 5.05 -16.04
CA ARG A 68 3.72 3.65 -16.42
C ARG A 68 2.80 2.68 -15.71
N GLU A 69 2.60 1.52 -16.34
CA GLU A 69 1.70 0.51 -15.79
C GLU A 69 2.16 0.09 -14.40
N THR A 70 1.22 0.15 -13.46
CA THR A 70 1.50 -0.16 -12.07
C THR A 70 0.23 -0.68 -11.43
N GLY A 71 0.31 -1.08 -10.16
CA GLY A 71 -0.87 -1.58 -9.48
C GLY A 71 -0.62 -1.93 -8.03
N GLU A 72 -1.70 -2.18 -7.31
CA GLU A 72 -1.64 -2.56 -5.91
C GLU A 72 -2.86 -3.39 -5.63
N GLY A 73 -2.66 -4.67 -5.31
CA GLY A 73 -3.76 -5.59 -5.04
C GLY A 73 -4.66 -5.69 -6.25
N ASP A 74 -5.90 -5.23 -6.11
CA ASP A 74 -6.90 -5.34 -7.20
C ASP A 74 -6.96 -4.13 -8.12
N VAL A 75 -6.40 -3.00 -7.68
CA VAL A 75 -6.32 -1.80 -8.51
C VAL A 75 -5.16 -1.92 -9.49
N ARG A 76 -5.39 -1.47 -10.71
CA ARG A 76 -4.39 -1.53 -11.75
C ARG A 76 -4.50 -0.22 -12.58
N ILE A 77 -3.41 0.54 -12.67
CA ILE A 77 -3.43 1.81 -13.40
C ILE A 77 -2.34 1.84 -14.46
N TRP A 78 -2.68 2.27 -15.67
CA TRP A 78 -1.70 2.37 -16.75
C TRP A 78 -2.05 3.48 -17.75
N PRO A 79 -1.04 4.04 -18.41
CA PRO A 79 -1.29 5.09 -19.38
C PRO A 79 -1.66 4.54 -20.76
N SER A 80 -2.14 5.45 -21.62
CA SER A 80 -2.58 5.12 -22.97
C SER A 80 -2.59 6.38 -23.83
N GLN A 81 -2.66 6.21 -25.16
CA GLN A 81 -2.75 7.34 -26.09
C GLN A 81 -4.08 7.30 -26.85
N ASP A 82 -4.57 8.47 -27.25
CA ASP A 82 -5.76 8.63 -28.12
C ASP A 82 -5.35 9.58 -29.25
N GLY A 83 -4.38 9.09 -30.01
CA GLY A 83 -3.71 9.89 -31.05
C GLY A 83 -2.72 10.77 -30.31
N LYS A 84 -3.05 12.05 -30.20
CA LYS A 84 -2.24 13.00 -29.45
C LYS A 84 -2.65 13.07 -27.95
N GLU A 85 -3.90 12.72 -27.64
CA GLU A 85 -4.47 12.90 -26.30
C GLU A 85 -3.93 11.85 -25.31
N ARG A 86 -3.36 12.29 -24.18
CA ARG A 86 -2.84 11.34 -23.17
C ARG A 86 -3.89 10.89 -22.17
N MSE A 87 -4.04 9.58 -22.04
CA MSE A 87 -5.09 8.99 -21.19
C MSE A 87 -4.49 8.20 -20.03
O MSE A 87 -3.35 7.78 -20.08
CB MSE A 87 -5.99 8.05 -22.01
CG MSE A 87 -6.57 8.66 -23.28
SE MSE A 87 -7.58 10.26 -22.98
CE MSE A 87 -9.32 9.56 -22.34
N VAL A 88 -5.31 7.98 -19.01
CA VAL A 88 -4.95 7.14 -17.88
C VAL A 88 -6.08 6.15 -17.68
N ASN A 89 -5.74 4.89 -17.43
CA ASN A 89 -6.72 3.82 -17.29
C ASN A 89 -6.65 3.24 -15.90
N ILE A 90 -7.80 3.09 -15.25
CA ILE A 90 -7.86 2.52 -13.91
C ILE A 90 -8.78 1.33 -13.98
N ALA A 91 -8.40 0.22 -13.37
CA ALA A 91 -9.21 -0.99 -13.43
C ALA A 91 -9.30 -1.65 -12.06
N LEU A 92 -10.51 -2.10 -11.70
CA LEU A 92 -10.71 -2.94 -10.50
C LEU A 92 -10.73 -4.40 -10.95
N SER A 93 -9.88 -5.23 -10.37
CA SER A 93 -9.81 -6.63 -10.74
C SER A 93 -10.77 -7.42 -9.88
N SER A 94 -11.44 -8.35 -10.52
CA SER A 94 -12.43 -9.20 -9.90
C SER A 94 -12.44 -10.47 -10.73
N PRO A 95 -12.78 -11.63 -10.10
CA PRO A 95 -12.95 -12.86 -10.89
C PRO A 95 -14.08 -12.72 -11.91
N PHE A 96 -15.03 -11.85 -11.58
CA PHE A 96 -16.22 -11.62 -12.40
C PHE A 96 -16.00 -10.68 -13.59
N GLY A 97 -14.75 -10.38 -13.89
CA GLY A 97 -14.37 -9.55 -15.04
C GLY A 97 -13.97 -8.16 -14.62
N GLN A 98 -12.79 -7.73 -15.06
CA GLN A 98 -12.34 -6.37 -14.77
C GLN A 98 -13.22 -5.35 -15.51
N ALA A 99 -13.61 -4.32 -14.77
CA ALA A 99 -14.22 -3.13 -15.33
C ALA A 99 -13.13 -2.05 -15.23
N ARG A 100 -13.23 -1.09 -16.12
CA ARG A 100 -12.11 -0.25 -16.58
C ARG A 100 -12.59 1.16 -16.76
N PHE A 101 -11.91 2.09 -16.13
CA PHE A 101 -12.19 3.50 -16.36
C PHE A 101 -11.14 4.10 -17.26
N HIS A 102 -11.56 5.11 -17.98
CA HIS A 102 -10.75 5.75 -18.99
C HIS A 102 -10.92 7.27 -18.83
N ALA A 103 -9.83 7.96 -18.57
CA ALA A 103 -9.88 9.41 -18.36
C ALA A 103 -8.69 10.12 -18.96
N GLN A 104 -8.88 11.40 -19.26
CA GLN A 104 -7.78 12.22 -19.72
C GLN A 104 -6.88 12.63 -18.56
N VAL A 105 -5.59 12.76 -18.85
CA VAL A 105 -4.57 13.01 -17.85
C VAL A 105 -4.61 14.41 -17.24
N ALA A 106 -4.80 15.43 -18.08
CA ALA A 106 -4.71 16.82 -17.64
C ALA A 106 -5.42 17.07 -16.29
N PRO A 107 -6.72 16.75 -16.20
CA PRO A 107 -7.46 17.05 -14.97
C PRO A 107 -6.97 16.28 -13.75
N LEU A 108 -6.62 15.01 -13.92
CA LEU A 108 -6.05 14.23 -12.81
C LEU A 108 -4.70 14.80 -12.42
N SER A 109 -3.89 15.13 -13.39
CA SER A 109 -2.59 15.72 -13.09
C SER A 109 -2.75 17.02 -12.31
N GLU A 110 -3.65 17.87 -12.76
CA GLU A 110 -3.84 19.14 -12.08
C GLU A 110 -4.26 18.94 -10.64
N PHE A 111 -5.18 18.01 -10.44
CA PHE A 111 -5.65 17.70 -9.10
C PHE A 111 -4.50 17.18 -8.24
N LEU A 112 -3.72 16.25 -8.76
CA LEU A 112 -2.60 15.73 -8.01
C LEU A 112 -1.64 16.86 -7.69
N HIS A 113 -1.41 17.76 -8.64
CA HIS A 113 -0.49 18.88 -8.38
C HIS A 113 -0.96 19.69 -7.19
N ARG A 114 -2.25 19.97 -7.11
CA ARG A 114 -2.81 20.65 -5.95
C ARG A 114 -2.61 19.89 -4.64
N THR A 115 -2.75 18.54 -4.67
CA THR A 115 -2.54 17.74 -3.46
C THR A 115 -1.07 17.84 -3.03
N TYR A 116 -0.15 17.80 -3.99
CA TYR A 116 1.27 17.97 -3.63
C TYR A 116 1.61 19.37 -3.10
N GLU A 117 0.84 20.39 -3.50
CA GLU A 117 1.07 21.73 -2.92
C GLU A 117 0.72 21.72 -1.45
N LEU A 118 -0.35 21.02 -1.08
CA LEU A 118 -0.73 20.93 0.32
C LEU A 118 0.22 20.04 1.12
N VAL A 119 0.54 18.87 0.56
CA VAL A 119 1.46 17.91 1.20
C VAL A 119 2.43 17.35 0.14
N PRO A 120 3.66 17.91 0.06
CA PRO A 120 4.67 17.39 -0.87
C PRO A 120 5.02 15.95 -0.62
N ALA A 121 5.34 15.25 -1.69
CA ALA A 121 5.76 13.85 -1.60
C ALA A 121 6.89 13.77 -0.61
N GLY A 122 6.75 12.90 0.38
CA GLY A 122 7.80 12.71 1.36
C GLY A 122 7.57 13.43 2.66
N GLN A 123 6.56 14.27 2.75
CA GLN A 123 6.27 15.00 4.00
C GLN A 123 4.95 14.57 4.64
N GLU A 124 4.43 13.43 4.18
CA GLU A 124 3.20 12.88 4.73
C GLU A 124 3.31 12.57 6.22
N SER A 125 4.52 12.24 6.67
CA SER A 125 4.81 11.92 8.08
C SER A 125 4.31 12.96 9.06
N ASP A 126 4.45 14.23 8.69
CA ASP A 126 4.07 15.32 9.56
C ASP A 126 2.60 15.24 9.92
N TYR A 127 1.82 14.86 8.93
CA TYR A 127 0.38 14.79 9.09
C TYR A 127 -0.01 13.52 9.85
N ILE A 128 0.77 12.46 9.68
CA ILE A 128 0.53 11.24 10.47
C ILE A 128 0.79 11.59 11.94
N ASP A 129 1.88 12.30 12.19
CA ASP A 129 2.20 12.69 13.58
C ASP A 129 1.07 13.47 14.24
N ILE A 130 0.47 14.39 13.50
CA ILE A 130 -0.63 15.20 14.03
C ILE A 130 -1.83 14.31 14.33
N ASP A 131 -2.16 13.41 13.40
CA ASP A 131 -3.25 12.46 13.64
C ASP A 131 -3.03 11.64 14.91
N ALA A 132 -1.80 11.20 15.12
CA ALA A 132 -1.45 10.44 16.30
C ALA A 132 -1.60 11.31 17.54
N GLU A 133 -1.18 12.57 17.43
CA GLU A 133 -1.23 13.49 18.55
C GLU A 133 -2.65 13.82 19.00
N ILE A 134 -3.56 13.98 18.05
CA ILE A 134 -4.94 14.25 18.39
C ILE A 134 -5.54 13.05 19.14
N ALA A 135 -5.29 11.85 18.62
CA ALA A 135 -5.75 10.61 19.24
C ALA A 135 -5.27 10.49 20.69
N GLU A 136 -4.02 10.92 20.92
CA GLU A 136 -3.35 10.87 22.25
C GLU A 136 -3.88 11.88 23.28
N HIS A 137 -4.83 12.72 22.88
CA HIS A 137 -5.56 13.62 23.77
C HIS A 137 -7.06 13.27 23.80
N LEU A 138 -7.57 12.69 22.72
CA LEU A 138 -8.96 12.23 22.64
C LEU A 138 -9.11 10.94 23.43
N MSE B 2 1.16 -3.98 28.93
CA MSE B 2 2.06 -4.27 27.79
C MSE B 2 3.53 -4.31 28.19
O MSE B 2 3.88 -4.04 29.33
CB MSE B 2 1.85 -3.24 26.70
CG MSE B 2 2.22 -1.80 26.99
SE MSE B 2 1.99 -0.76 25.33
CE MSE B 2 1.79 0.97 26.23
N SER B 3 4.40 -4.66 27.24
CA SER B 3 5.84 -4.75 27.51
C SER B 3 6.66 -4.36 26.28
N SER B 4 7.76 -3.63 26.52
CA SER B 4 8.67 -3.13 25.47
C SER B 4 10.06 -3.69 25.70
N SER B 5 10.71 -4.09 24.61
CA SER B 5 12.08 -4.66 24.65
C SER B 5 13.19 -3.76 24.06
N GLY B 6 12.80 -2.67 23.40
CA GLY B 6 13.75 -1.85 22.63
C GLY B 6 13.71 -2.22 21.14
N THR B 7 13.39 -3.48 20.85
CA THR B 7 13.31 -3.99 19.46
C THR B 7 11.87 -4.27 19.01
N SER B 8 11.05 -4.83 19.91
CA SER B 8 9.68 -5.27 19.67
C SER B 8 8.78 -4.86 20.83
N ILE B 9 7.52 -4.54 20.54
CA ILE B 9 6.51 -4.25 21.57
C ILE B 9 5.27 -5.08 21.36
N THR B 10 4.63 -5.44 22.47
CA THR B 10 3.40 -6.22 22.45
C THR B 10 2.45 -5.69 23.48
N CYS B 11 1.16 -5.72 23.17
CA CYS B 11 0.14 -5.47 24.18
C CYS B 11 -1.15 -6.24 23.88
N GLU B 12 -2.04 -6.27 24.87
CA GLU B 12 -3.33 -6.91 24.75
C GLU B 12 -4.40 -5.83 24.87
N VAL B 13 -5.43 -5.93 24.05
CA VAL B 13 -6.50 -4.93 24.03
C VAL B 13 -7.85 -5.61 23.99
N GLY B 14 -8.78 -5.06 24.76
CA GLY B 14 -10.15 -5.54 24.79
C GLY B 14 -10.88 -5.09 23.53
N LEU B 15 -11.60 -6.02 22.92
CA LEU B 15 -12.33 -5.75 21.69
C LEU B 15 -13.70 -6.43 21.73
N GLN B 16 -14.57 -6.02 20.81
CA GLN B 16 -15.88 -6.64 20.64
C GLN B 16 -16.05 -6.95 19.16
N LEU B 17 -16.61 -8.12 18.84
CA LEU B 17 -16.96 -8.45 17.45
C LEU B 17 -18.44 -8.14 17.29
N ILE B 18 -18.75 -7.08 16.54
CA ILE B 18 -20.13 -6.62 16.34
C ILE B 18 -20.77 -7.30 15.15
N PRO B 24 -23.14 -8.38 20.78
CA PRO B 24 -21.69 -8.20 20.81
C PRO B 24 -20.99 -9.33 21.57
N VAL B 25 -19.83 -9.75 21.07
CA VAL B 25 -19.02 -10.82 21.67
C VAL B 25 -17.68 -10.26 22.10
N PRO B 26 -17.34 -10.31 23.40
CA PRO B 26 -16.06 -9.77 23.83
C PRO B 26 -14.91 -10.71 23.47
N LEU B 27 -13.76 -10.14 23.15
CA LEU B 27 -12.56 -10.91 22.81
C LEU B 27 -11.32 -10.05 23.02
N VAL B 28 -10.19 -10.71 23.30
CA VAL B 28 -8.93 -10.02 23.53
C VAL B 28 -8.01 -10.19 22.31
N ALA B 29 -7.44 -9.08 21.85
CA ALA B 29 -6.56 -9.08 20.69
C ALA B 29 -5.13 -8.76 21.15
N ARG B 30 -4.15 -9.44 20.57
CA ARG B 30 -2.74 -9.15 20.86
C ARG B 30 -2.12 -8.36 19.70
N LEU B 31 -1.77 -7.11 19.99
CA LEU B 31 -1.12 -6.26 19.01
C LEU B 31 0.36 -6.31 19.22
N ASP B 32 1.13 -6.42 18.15
CA ASP B 32 2.57 -6.26 18.30
C ASP B 32 3.26 -5.62 17.11
N TYR B 33 4.36 -4.94 17.44
CA TYR B 33 5.11 -4.14 16.51
C TYR B 33 6.58 -4.45 16.70
N SER B 34 7.29 -4.61 15.59
CA SER B 34 8.70 -4.95 15.60
C SER B 34 9.45 -4.03 14.62
N VAL B 35 10.57 -3.45 15.06
CA VAL B 35 11.33 -2.50 14.24
C VAL B 35 11.81 -3.07 12.91
N ASP B 36 11.98 -4.40 12.85
CA ASP B 36 12.34 -5.10 11.60
C ASP B 36 11.21 -5.16 10.57
N ASP B 37 10.01 -4.76 10.97
CA ASP B 37 8.89 -4.59 10.05
C ASP B 37 8.22 -3.27 10.43
N PRO B 38 8.94 -2.16 10.23
CA PRO B 38 8.60 -0.85 10.78
C PRO B 38 7.33 -0.17 10.30
N TYR B 39 6.74 -0.61 9.19
CA TYR B 39 5.47 -0.07 8.71
C TYR B 39 4.26 -0.84 9.20
N ALA B 40 4.49 -2.01 9.81
CA ALA B 40 3.41 -2.97 10.12
C ALA B 40 3.00 -3.08 11.58
N ILE B 41 1.76 -3.50 11.78
CA ILE B 41 1.23 -3.87 13.09
C ILE B 41 0.56 -5.22 12.91
N ARG B 42 0.86 -6.15 13.80
CA ARG B 42 0.24 -7.46 13.79
C ARG B 42 -0.78 -7.52 14.91
N ALA B 43 -1.97 -8.06 14.62
CA ALA B 43 -3.01 -8.31 15.63
C ALA B 43 -3.37 -9.79 15.56
N ALA B 44 -3.54 -10.42 16.72
CA ALA B 44 -3.89 -11.84 16.82
C ALA B 44 -5.18 -12.06 17.65
N PHE B 45 -6.24 -12.54 16.98
CA PHE B 45 -7.56 -12.77 17.58
C PHE B 45 -7.72 -14.20 18.09
N HIS B 46 -8.80 -14.42 18.84
CA HIS B 46 -9.24 -15.74 19.35
C HIS B 46 -10.77 -15.80 19.36
N VAL B 47 -11.34 -17.01 19.42
CA VAL B 47 -12.80 -17.21 19.45
C VAL B 47 -13.17 -18.38 20.35
N PRO B 52 -6.62 -19.52 16.62
CA PRO B 52 -6.22 -18.11 16.53
C PRO B 52 -5.98 -17.63 15.10
N VAL B 53 -6.18 -16.34 14.84
CA VAL B 53 -5.95 -15.81 13.50
C VAL B 53 -5.21 -14.47 13.54
N GLU B 54 -4.19 -14.31 12.68
CA GLU B 54 -3.35 -13.11 12.68
C GLU B 54 -3.60 -12.22 11.47
N TRP B 55 -3.87 -10.94 11.74
CA TRP B 55 -4.04 -9.91 10.72
C TRP B 55 -2.81 -9.01 10.75
N ILE B 56 -2.35 -8.59 9.59
CA ILE B 56 -1.21 -7.72 9.51
C ILE B 56 -1.55 -6.52 8.64
N PHE B 57 -1.43 -5.31 9.19
CA PHE B 57 -1.73 -4.11 8.41
C PHE B 57 -0.79 -2.96 8.67
N ALA B 58 -0.84 -1.98 7.75
CA ALA B 58 -0.07 -0.77 7.85
C ALA B 58 -0.38 -0.02 9.13
N ARG B 59 0.68 0.29 9.88
CA ARG B 59 0.55 1.10 11.07
C ARG B 59 -0.15 2.42 10.76
N GLU B 60 0.22 3.09 9.67
CA GLU B 60 -0.39 4.39 9.34
C GLU B 60 -1.90 4.32 9.11
N LEU B 61 -2.40 3.15 8.74
CA LEU B 61 -3.80 2.97 8.46
C LEU B 61 -4.60 3.08 9.75
N LEU B 62 -4.03 2.58 10.84
CA LEU B 62 -4.67 2.65 12.14
C LEU B 62 -4.56 4.06 12.72
N THR B 63 -3.42 4.72 12.53
CA THR B 63 -3.25 6.09 13.01
C THR B 63 -4.25 7.02 12.36
N VAL B 64 -4.47 6.85 11.06
CA VAL B 64 -5.41 7.68 10.29
C VAL B 64 -6.87 7.30 10.61
N GLY B 65 -7.13 6.01 10.72
CA GLY B 65 -8.48 5.46 11.04
C GLY B 65 -9.09 5.91 12.36
N ILE B 66 -8.24 6.24 13.34
CA ILE B 66 -8.71 6.79 14.61
C ILE B 66 -9.26 8.20 14.39
N ILE B 67 -8.73 8.91 13.40
CA ILE B 67 -9.16 10.28 13.14
C ILE B 67 -10.26 10.32 12.09
N ARG B 68 -10.17 9.49 11.05
CA ARG B 68 -11.19 9.54 9.99
C ARG B 68 -11.28 8.24 9.17
N GLU B 69 -12.42 8.04 8.52
CA GLU B 69 -12.67 6.86 7.71
C GLU B 69 -11.59 6.70 6.66
N THR B 70 -11.01 5.51 6.60
CA THR B 70 -10.00 5.19 5.60
C THR B 70 -9.97 3.69 5.37
N GLY B 71 -9.10 3.23 4.48
CA GLY B 71 -9.03 1.81 4.18
C GLY B 71 -7.96 1.46 3.18
N GLU B 72 -7.65 0.16 3.10
CA GLU B 72 -6.68 -0.34 2.16
C GLU B 72 -7.13 -1.73 1.78
N GLY B 73 -7.50 -1.93 0.52
CA GLY B 73 -7.95 -3.23 0.05
C GLY B 73 -9.19 -3.68 0.79
N ASP B 74 -9.08 -4.76 1.55
CA ASP B 74 -10.24 -5.33 2.26
C ASP B 74 -10.44 -4.74 3.66
N VAL B 75 -9.36 -4.19 4.25
CA VAL B 75 -9.43 -3.57 5.56
C VAL B 75 -10.12 -2.21 5.43
N ARG B 76 -10.94 -1.87 6.42
CA ARG B 76 -11.62 -0.58 6.51
C ARG B 76 -11.62 -0.16 7.97
N ILE B 77 -11.11 1.02 8.28
CA ILE B 77 -11.06 1.52 9.65
C ILE B 77 -11.73 2.87 9.71
N TRP B 78 -12.54 3.10 10.74
CA TRP B 78 -13.22 4.39 10.92
C TRP B 78 -13.58 4.65 12.38
N PRO B 79 -13.62 5.93 12.80
CA PRO B 79 -13.93 6.26 14.18
C PRO B 79 -15.42 6.29 14.44
N SER B 80 -15.80 6.32 15.72
CA SER B 80 -17.19 6.36 16.15
C SER B 80 -17.28 6.88 17.59
N GLN B 81 -18.48 7.27 18.02
CA GLN B 81 -18.71 7.77 19.38
C GLN B 81 -19.59 6.80 20.17
N ASP B 82 -19.39 6.80 21.49
CA ASP B 82 -20.24 6.09 22.46
C ASP B 82 -20.58 7.12 23.55
N GLY B 83 -20.84 8.35 23.12
CA GLY B 83 -21.14 9.46 24.03
C GLY B 83 -19.92 10.31 24.31
N GLU B 85 -17.40 8.33 25.08
CA GLU B 85 -16.24 7.48 24.84
C GLU B 85 -15.92 7.36 23.33
N ARG B 86 -14.66 7.57 22.97
CA ARG B 86 -14.22 7.51 21.57
C ARG B 86 -13.84 6.10 21.14
N MSE B 87 -14.41 5.64 20.03
CA MSE B 87 -14.20 4.27 19.54
C MSE B 87 -13.53 4.23 18.17
O MSE B 87 -13.52 5.22 17.44
CB MSE B 87 -15.55 3.54 19.49
CG MSE B 87 -16.37 3.54 20.79
SE MSE B 87 -15.48 2.66 22.30
CE MSE B 87 -15.80 0.77 21.84
N VAL B 88 -12.97 3.07 17.86
CA VAL B 88 -12.36 2.78 16.56
C VAL B 88 -12.97 1.50 16.02
N ASN B 89 -13.31 1.49 14.73
CA ASN B 89 -13.94 0.34 14.10
C ASN B 89 -13.07 -0.20 12.99
N ILE B 90 -12.77 -1.50 13.02
CA ILE B 90 -11.96 -2.16 12.00
C ILE B 90 -12.84 -3.23 11.36
N ALA B 91 -12.81 -3.35 10.03
CA ALA B 91 -13.73 -4.25 9.31
C ALA B 91 -13.13 -4.88 8.06
N LEU B 92 -12.58 -6.09 8.18
CA LEU B 92 -11.96 -6.80 7.05
C LEU B 92 -13.02 -7.54 6.21
N SER B 93 -13.09 -7.26 4.91
CA SER B 93 -14.08 -7.88 4.00
C SER B 93 -13.59 -9.23 3.48
N ARG B 100 -16.20 -7.17 11.82
CA ARG B 100 -16.48 -5.84 12.23
C ARG B 100 -16.07 -5.80 13.72
N PHE B 101 -14.90 -5.22 14.01
CA PHE B 101 -14.40 -5.14 15.37
C PHE B 101 -14.59 -3.72 15.91
N HIS B 102 -14.80 -3.62 17.22
CA HIS B 102 -15.17 -2.38 17.90
C HIS B 102 -14.29 -2.29 19.15
N ALA B 103 -13.50 -1.23 19.26
CA ALA B 103 -12.59 -1.06 20.41
C ALA B 103 -12.42 0.41 20.81
N GLN B 104 -12.04 0.61 22.08
CA GLN B 104 -11.77 1.94 22.62
C GLN B 104 -10.45 2.47 22.04
N VAL B 105 -10.40 3.79 21.85
CA VAL B 105 -9.24 4.46 21.26
C VAL B 105 -8.04 4.55 22.19
N ALA B 106 -8.27 4.84 23.47
CA ALA B 106 -7.19 5.07 24.43
C ALA B 106 -6.08 4.03 24.36
N PRO B 107 -6.41 2.72 24.48
CA PRO B 107 -5.38 1.68 24.45
C PRO B 107 -4.62 1.58 23.11
N LEU B 108 -5.34 1.62 22.00
CA LEU B 108 -4.71 1.59 20.67
C LEU B 108 -3.82 2.79 20.49
N SER B 109 -4.29 3.96 20.89
CA SER B 109 -3.50 5.18 20.78
C SER B 109 -2.21 5.07 21.59
N GLU B 110 -2.30 4.59 22.83
CA GLU B 110 -1.10 4.46 23.67
C GLU B 110 -0.11 3.51 23.03
N PHE B 111 -0.61 2.38 22.54
CA PHE B 111 0.25 1.40 21.85
C PHE B 111 0.93 2.03 20.62
N LEU B 112 0.16 2.74 19.81
CA LEU B 112 0.74 3.42 18.63
C LEU B 112 1.79 4.45 19.07
N HIS B 113 1.53 5.16 20.16
CA HIS B 113 2.50 6.15 20.62
C HIS B 113 3.83 5.46 20.94
N ARG B 114 3.77 4.33 21.63
CA ARG B 114 4.96 3.55 21.92
C ARG B 114 5.69 3.14 20.65
N THR B 115 4.95 2.69 19.63
CA THR B 115 5.62 2.29 18.38
C THR B 115 6.30 3.49 17.75
N TYR B 116 5.68 4.65 17.81
CA TYR B 116 6.30 5.87 17.26
C TYR B 116 7.53 6.32 18.04
N GLU B 117 7.61 5.98 19.33
CA GLU B 117 8.80 6.27 20.14
C GLU B 117 9.97 5.39 19.70
N LEU B 118 9.72 4.13 19.35
CA LEU B 118 10.78 3.27 18.80
C LEU B 118 11.16 3.70 17.37
N VAL B 119 10.16 3.92 16.52
CA VAL B 119 10.38 4.29 15.14
C VAL B 119 9.41 5.43 14.77
N PRO B 120 9.88 6.68 14.83
CA PRO B 120 9.01 7.81 14.45
C PRO B 120 8.55 7.75 13.02
N ALA B 121 7.37 8.29 12.76
CA ALA B 121 6.84 8.33 11.41
C ALA B 121 7.86 8.99 10.52
N GLY B 122 8.20 8.35 9.40
CA GLY B 122 9.13 8.89 8.42
C GLY B 122 10.56 8.38 8.55
N GLN B 123 10.85 7.61 9.59
CA GLN B 123 12.20 7.08 9.77
C GLN B 123 12.24 5.57 9.65
N GLU B 124 11.20 4.99 9.09
CA GLU B 124 11.15 3.54 8.86
C GLU B 124 12.28 3.07 7.92
N SER B 125 12.71 3.94 6.99
CA SER B 125 13.76 3.63 6.00
C SER B 125 15.00 3.04 6.59
N ASP B 126 15.41 3.58 7.73
CA ASP B 126 16.65 3.18 8.35
C ASP B 126 16.58 1.71 8.71
N TYR B 127 15.41 1.26 9.13
CA TYR B 127 15.21 -0.10 9.57
C TYR B 127 15.06 -1.01 8.36
N ILE B 128 14.52 -0.49 7.26
CA ILE B 128 14.48 -1.25 6.00
C ILE B 128 15.91 -1.46 5.52
N ASP B 129 16.75 -0.41 5.56
CA ASP B 129 18.17 -0.54 5.18
C ASP B 129 18.87 -1.64 5.98
N ILE B 130 18.64 -1.69 7.28
CA ILE B 130 19.27 -2.71 8.11
C ILE B 130 18.80 -4.12 7.72
N ASP B 131 17.51 -4.28 7.48
CA ASP B 131 17.00 -5.57 6.97
C ASP B 131 17.68 -5.97 5.66
N ALA B 132 17.89 -5.01 4.77
CA ALA B 132 18.57 -5.30 3.51
C ALA B 132 20.04 -5.66 3.78
N GLU B 133 20.68 -4.95 4.70
CA GLU B 133 22.09 -5.19 5.01
C GLU B 133 22.34 -6.58 5.59
N ILE B 134 21.43 -7.03 6.45
CA ILE B 134 21.48 -8.37 7.03
C ILE B 134 21.40 -9.45 5.95
N ALA B 135 20.40 -9.30 5.08
CA ALA B 135 20.16 -10.26 3.99
C ALA B 135 21.32 -10.38 3.01
N GLU B 136 21.91 -9.26 2.61
CA GLU B 136 23.06 -9.30 1.72
C GLU B 136 24.19 -10.25 2.21
N HIS B 137 24.13 -10.66 3.50
CA HIS B 137 25.08 -11.62 4.10
C HIS B 137 24.38 -12.81 4.79
N LEU B 138 24.10 -13.89 4.04
CA LEU B 138 23.48 -15.10 4.61
C LEU B 138 24.17 -16.34 4.07
N MSE C 2 21.48 10.55 -8.21
CA MSE C 2 20.14 10.74 -8.84
C MSE C 2 20.13 10.09 -10.24
O MSE C 2 20.67 10.65 -11.19
CB MSE C 2 19.80 12.24 -8.91
CG MSE C 2 18.43 12.65 -9.51
SE MSE C 2 16.83 12.41 -8.37
CE MSE C 2 15.64 13.82 -9.13
N SER C 3 19.53 8.89 -10.33
CA SER C 3 19.41 8.14 -11.58
C SER C 3 18.36 8.79 -12.45
N SER C 4 18.47 8.59 -13.77
CA SER C 4 17.54 9.21 -14.73
C SER C 4 16.19 8.51 -14.69
N SER C 5 15.17 9.19 -15.19
CA SER C 5 13.78 8.74 -15.16
C SER C 5 13.53 7.38 -15.83
N GLY C 6 14.32 6.99 -16.82
CA GLY C 6 14.02 5.73 -17.50
C GLY C 6 14.63 4.46 -16.93
N THR C 7 15.38 4.57 -15.85
CA THR C 7 16.25 3.48 -15.45
C THR C 7 15.44 2.35 -14.86
N SER C 8 15.84 1.15 -15.25
CA SER C 8 15.08 -0.02 -14.97
C SER C 8 16.03 -1.22 -14.87
N ILE C 9 15.71 -2.20 -14.04
CA ILE C 9 16.49 -3.46 -13.97
C ILE C 9 15.57 -4.66 -13.93
N THR C 10 16.06 -5.76 -14.47
CA THR C 10 15.30 -6.99 -14.59
C THR C 10 16.20 -8.13 -14.28
N CYS C 11 15.64 -9.20 -13.71
CA CYS C 11 16.35 -10.48 -13.63
C CYS C 11 15.37 -11.64 -13.62
N GLU C 12 15.93 -12.84 -13.73
CA GLU C 12 15.16 -14.06 -13.72
C GLU C 12 15.58 -14.84 -12.50
N VAL C 13 14.62 -15.48 -11.85
CA VAL C 13 14.87 -16.22 -10.63
C VAL C 13 14.14 -17.55 -10.67
N GLY C 14 14.86 -18.60 -10.26
CA GLY C 14 14.30 -19.95 -10.16
C GLY C 14 13.37 -20.03 -8.97
N LEU C 15 12.21 -20.63 -9.20
CA LEU C 15 11.15 -20.77 -8.20
C LEU C 15 10.57 -22.16 -8.21
N GLN C 16 9.82 -22.47 -7.15
CA GLN C 16 9.03 -23.69 -7.08
C GLN C 16 7.63 -23.33 -6.60
N LEU C 17 6.59 -23.90 -7.21
CA LEU C 17 5.21 -23.74 -6.71
C LEU C 17 4.93 -24.95 -5.81
N ILE C 18 4.79 -24.70 -4.51
CA ILE C 18 4.55 -25.78 -3.53
C ILE C 18 3.06 -26.03 -3.33
N ARG C 22 -0.08 -32.94 -4.16
CA ARG C 22 0.74 -32.07 -5.00
C ARG C 22 2.20 -32.55 -5.04
N ALA C 23 3.01 -31.86 -5.85
CA ALA C 23 4.45 -32.10 -5.93
C ALA C 23 5.09 -30.77 -6.34
N PRO C 24 6.35 -30.51 -5.90
CA PRO C 24 6.90 -29.21 -6.30
C PRO C 24 7.08 -29.09 -7.81
N VAL C 25 6.69 -27.94 -8.37
CA VAL C 25 6.79 -27.67 -9.80
C VAL C 25 7.76 -26.52 -10.04
N PRO C 26 8.85 -26.76 -10.79
CA PRO C 26 9.81 -25.69 -11.01
C PRO C 26 9.28 -24.70 -12.04
N LEU C 27 9.61 -23.42 -11.85
CA LEU C 27 9.21 -22.37 -12.79
C LEU C 27 10.14 -21.17 -12.63
N VAL C 28 10.27 -20.39 -13.69
CA VAL C 28 11.14 -19.23 -13.68
C VAL C 28 10.31 -17.93 -13.63
N ALA C 29 10.68 -17.03 -12.73
CA ALA C 29 9.97 -15.77 -12.54
C ALA C 29 10.85 -14.61 -13.00
N ARG C 30 10.23 -13.63 -13.66
CA ARG C 30 10.94 -12.44 -14.09
C ARG C 30 10.61 -11.28 -13.17
N LEU C 31 11.60 -10.83 -12.43
CA LEU C 31 11.43 -9.69 -11.54
C LEU C 31 11.92 -8.45 -12.25
N ASP C 32 11.20 -7.34 -12.11
CA ASP C 32 11.75 -6.08 -12.54
C ASP C 32 11.32 -4.86 -11.73
N TYR C 33 12.20 -3.86 -11.74
CA TYR C 33 12.08 -2.67 -10.96
C TYR C 33 12.40 -1.49 -11.85
N SER C 34 11.60 -0.45 -11.74
CA SER C 34 11.78 0.77 -12.51
C SER C 34 11.77 1.98 -11.59
N VAL C 35 12.71 2.90 -11.78
CA VAL C 35 12.75 4.05 -10.89
C VAL C 35 11.48 4.90 -10.96
N ASP C 36 10.74 4.86 -12.08
CA ASP C 36 9.43 5.55 -12.21
C ASP C 36 8.34 4.97 -11.30
N ASP C 37 8.57 3.79 -10.75
CA ASP C 37 7.63 3.15 -9.84
C ASP C 37 8.48 2.67 -8.64
N PRO C 38 9.07 3.63 -7.95
CA PRO C 38 10.14 3.36 -7.00
C PRO C 38 9.84 2.54 -5.76
N TYR C 39 8.58 2.35 -5.41
CA TYR C 39 8.24 1.53 -4.26
C TYR C 39 7.86 0.09 -4.65
N ALA C 40 7.77 -0.19 -5.95
CA ALA C 40 7.21 -1.46 -6.48
C ALA C 40 8.23 -2.41 -7.05
N ILE C 41 7.87 -3.68 -7.05
CA ILE C 41 8.58 -4.72 -7.79
C ILE C 41 7.51 -5.49 -8.56
N ARG C 42 7.75 -5.77 -9.83
CA ARG C 42 6.86 -6.60 -10.64
C ARG C 42 7.40 -8.02 -10.61
N ALA C 43 6.52 -9.00 -10.66
CA ALA C 43 6.90 -10.43 -10.73
C ALA C 43 6.03 -11.04 -11.81
N ALA C 44 6.63 -11.72 -12.78
CA ALA C 44 5.89 -12.34 -13.89
C ALA C 44 6.37 -13.76 -14.14
N PHE C 45 5.44 -14.69 -14.32
CA PHE C 45 5.79 -16.11 -14.53
C PHE C 45 4.68 -16.86 -15.25
N HIS C 46 4.97 -18.12 -15.61
CA HIS C 46 3.97 -19.00 -16.24
C HIS C 46 4.20 -20.48 -15.95
N VAL C 47 3.12 -21.25 -16.07
CA VAL C 47 3.13 -22.70 -15.90
C VAL C 47 2.40 -23.31 -17.10
N GLY C 48 3.08 -24.19 -17.83
CA GLY C 48 2.50 -24.87 -19.00
C GLY C 48 2.74 -24.11 -20.29
N ASP C 50 -1.48 -22.41 -19.51
CA ASP C 50 -1.78 -21.23 -18.71
C ASP C 50 -0.88 -20.05 -19.12
N GLU C 51 -1.46 -19.04 -19.76
CA GLU C 51 -0.73 -17.83 -20.21
C GLU C 51 -0.13 -17.07 -19.01
N PRO C 52 0.87 -16.18 -19.24
CA PRO C 52 1.60 -15.53 -18.13
C PRO C 52 0.75 -14.75 -17.12
N VAL C 53 1.31 -14.49 -15.93
CA VAL C 53 0.61 -13.62 -14.98
C VAL C 53 1.58 -12.76 -14.20
N GLU C 54 1.22 -11.48 -14.05
CA GLU C 54 2.07 -10.47 -13.39
C GLU C 54 1.54 -10.08 -12.01
N TRP C 55 2.38 -10.18 -10.98
CA TRP C 55 2.07 -9.65 -9.64
C TRP C 55 2.89 -8.41 -9.43
N ILE C 56 2.33 -7.44 -8.72
CA ILE C 56 3.05 -6.23 -8.35
C ILE C 56 2.93 -6.03 -6.86
N PHE C 57 4.05 -5.87 -6.18
CA PHE C 57 4.00 -5.58 -4.76
C PHE C 57 5.08 -4.60 -4.29
N ALA C 58 4.91 -4.12 -3.06
CA ALA C 58 5.84 -3.23 -2.42
C ALA C 58 7.19 -3.90 -2.27
N ARG C 59 8.20 -3.20 -2.72
CA ARG C 59 9.57 -3.61 -2.52
C ARG C 59 9.84 -3.90 -1.05
N GLU C 60 9.44 -3.00 -0.17
CA GLU C 60 9.78 -3.18 1.25
C GLU C 60 9.20 -4.47 1.83
N LEU C 61 8.12 -4.96 1.23
CA LEU C 61 7.46 -6.16 1.72
C LEU C 61 8.37 -7.36 1.54
N LEU C 62 9.11 -7.39 0.42
CA LEU C 62 10.04 -8.48 0.13
C LEU C 62 11.30 -8.35 0.97
N THR C 63 11.79 -7.13 1.16
CA THR C 63 12.98 -6.90 1.98
C THR C 63 12.71 -7.36 3.41
N VAL C 64 11.51 -7.06 3.91
CA VAL C 64 11.12 -7.43 5.27
C VAL C 64 10.86 -8.92 5.38
N GLY C 65 10.16 -9.46 4.39
CA GLY C 65 9.79 -10.89 4.31
C GLY C 65 10.93 -11.89 4.30
N ILE C 66 12.09 -11.45 3.83
CA ILE C 66 13.30 -12.25 3.86
C ILE C 66 13.82 -12.40 5.31
N ILE C 67 13.52 -11.40 6.15
CA ILE C 67 13.93 -11.41 7.55
C ILE C 67 12.86 -12.00 8.47
N ARG C 68 11.59 -11.64 8.26
CA ARG C 68 10.52 -12.15 9.13
C ARG C 68 9.15 -12.16 8.47
N GLU C 69 8.23 -12.94 9.03
CA GLU C 69 6.89 -13.06 8.49
C GLU C 69 6.23 -11.69 8.43
N THR C 70 5.68 -11.36 7.26
CA THR C 70 4.97 -10.11 7.04
C THR C 70 3.93 -10.32 5.95
N GLY C 71 3.16 -9.26 5.65
CA GLY C 71 2.15 -9.34 4.63
C GLY C 71 1.42 -8.04 4.39
N GLU C 72 0.73 -7.98 3.27
CA GLU C 72 -0.10 -6.83 2.92
C GLU C 72 -1.27 -7.33 2.10
N GLY C 73 -2.47 -7.19 2.65
CA GLY C 73 -3.67 -7.67 1.98
C GLY C 73 -3.61 -9.17 1.74
N ASP C 74 -3.53 -9.55 0.46
CA ASP C 74 -3.52 -10.96 0.04
C ASP C 74 -2.14 -11.61 0.04
N VAL C 75 -1.12 -10.79 -0.20
CA VAL C 75 0.25 -11.27 -0.24
C VAL C 75 0.72 -11.58 1.18
N ARG C 76 1.48 -12.65 1.31
CA ARG C 76 2.09 -13.06 2.60
C ARG C 76 3.50 -13.60 2.32
N ILE C 77 4.50 -12.97 2.93
CA ILE C 77 5.89 -13.39 2.72
C ILE C 77 6.52 -13.77 4.05
N TRP C 78 7.27 -14.87 4.04
CA TRP C 78 7.97 -15.30 5.25
C TRP C 78 9.19 -16.16 4.95
N PRO C 79 10.23 -16.08 5.80
CA PRO C 79 11.43 -16.89 5.59
C PRO C 79 11.29 -18.33 6.09
N SER C 80 12.22 -19.18 5.67
CA SER C 80 12.28 -20.59 6.09
C SER C 80 13.67 -21.17 5.82
N GLN C 81 13.92 -22.34 6.38
CA GLN C 81 15.21 -23.04 6.26
C GLN C 81 15.11 -24.30 5.41
N ASP C 82 16.20 -24.65 4.76
CA ASP C 82 16.32 -25.88 4.00
C ASP C 82 17.81 -26.17 3.81
N GLU C 85 20.44 -23.99 3.68
CA GLU C 85 20.02 -23.04 2.65
C GLU C 85 18.84 -22.16 3.13
N ARG C 86 18.97 -20.85 2.96
CA ARG C 86 17.93 -19.88 3.36
C ARG C 86 16.90 -19.65 2.28
N MSE C 87 15.62 -19.79 2.64
CA MSE C 87 14.52 -19.67 1.67
C MSE C 87 13.58 -18.51 1.99
O MSE C 87 13.52 -18.05 3.13
CB MSE C 87 13.71 -20.97 1.66
CG MSE C 87 14.50 -22.26 1.44
SE MSE C 87 15.46 -22.40 -0.25
CE MSE C 87 14.01 -22.40 -1.54
N VAL C 88 12.84 -18.08 0.96
CA VAL C 88 11.77 -17.08 1.11
C VAL C 88 10.51 -17.68 0.52
N ASN C 89 9.39 -17.46 1.21
CA ASN C 89 8.11 -17.99 0.80
C ASN C 89 7.13 -16.87 0.55
N ILE C 90 6.49 -16.87 -0.62
CA ILE C 90 5.49 -15.86 -1.03
C ILE C 90 4.17 -16.60 -1.29
N ALA C 91 3.03 -16.07 -0.82
CA ALA C 91 1.74 -16.81 -0.92
C ALA C 91 0.45 -15.96 -1.10
N LEU C 92 0.18 -15.58 -2.36
CA LEU C 92 -1.05 -14.84 -2.75
C LEU C 92 -2.31 -15.71 -2.58
N SER C 93 -3.46 -15.07 -2.35
CA SER C 93 -4.73 -15.80 -2.14
C SER C 93 -5.88 -15.37 -3.09
N SER C 94 -6.78 -16.32 -3.41
CA SER C 94 -7.92 -16.06 -4.31
C SER C 94 -8.93 -17.21 -4.27
N ARG C 100 1.55 -20.64 -3.33
CA ARG C 100 2.69 -20.75 -2.44
C ARG C 100 3.94 -20.91 -3.26
N PHE C 101 4.77 -19.88 -3.30
CA PHE C 101 6.04 -19.96 -4.01
C PHE C 101 7.21 -20.05 -3.03
N HIS C 102 8.23 -20.79 -3.45
CA HIS C 102 9.38 -21.14 -2.61
C HIS C 102 10.62 -20.81 -3.43
N ALA C 103 11.49 -19.94 -2.90
CA ALA C 103 12.71 -19.55 -3.61
C ALA C 103 13.88 -19.33 -2.67
N GLN C 104 15.08 -19.43 -3.22
CA GLN C 104 16.31 -19.13 -2.50
C GLN C 104 16.42 -17.62 -2.28
N VAL C 105 17.01 -17.24 -1.16
CA VAL C 105 17.16 -15.82 -0.82
C VAL C 105 18.25 -15.12 -1.64
N ALA C 106 19.38 -15.79 -1.86
CA ALA C 106 20.54 -15.17 -2.52
C ALA C 106 20.19 -14.33 -3.75
N PRO C 107 19.52 -14.94 -4.75
CA PRO C 107 19.17 -14.18 -5.96
C PRO C 107 18.20 -13.01 -5.72
N LEU C 108 17.17 -13.19 -4.89
CA LEU C 108 16.26 -12.10 -4.55
C LEU C 108 17.00 -10.99 -3.85
N SER C 109 17.82 -11.38 -2.88
CA SER C 109 18.59 -10.41 -2.15
C SER C 109 19.48 -9.59 -3.11
N GLU C 110 20.22 -10.24 -3.99
CA GLU C 110 21.10 -9.50 -4.90
C GLU C 110 20.28 -8.52 -5.74
N PHE C 111 19.14 -8.95 -6.26
CA PHE C 111 18.29 -8.09 -7.06
C PHE C 111 17.79 -6.89 -6.26
N LEU C 112 17.31 -7.15 -5.05
CA LEU C 112 16.90 -6.04 -4.18
C LEU C 112 18.08 -5.10 -3.94
N HIS C 113 19.28 -5.64 -3.71
CA HIS C 113 20.45 -4.76 -3.50
C HIS C 113 20.62 -3.83 -4.70
N ARG C 114 20.54 -4.38 -5.91
CA ARG C 114 20.64 -3.57 -7.12
C ARG C 114 19.58 -2.49 -7.17
N THR C 115 18.36 -2.81 -6.75
CA THR C 115 17.30 -1.80 -6.76
C THR C 115 17.63 -0.67 -5.78
N TYR C 116 18.11 -1.02 -4.58
CA TYR C 116 18.50 0.01 -3.61
C TYR C 116 19.72 0.84 -4.07
N GLU C 117 20.56 0.29 -4.93
CA GLU C 117 21.63 1.08 -5.50
C GLU C 117 21.07 2.16 -6.42
N LEU C 118 20.03 1.84 -7.20
CA LEU C 118 19.39 2.85 -8.04
C LEU C 118 18.59 3.86 -7.21
N VAL C 119 17.77 3.35 -6.29
CA VAL C 119 16.95 4.19 -5.43
C VAL C 119 17.05 3.70 -3.98
N PRO C 120 17.89 4.34 -3.17
CA PRO C 120 17.98 3.92 -1.76
C PRO C 120 16.65 4.02 -1.03
N ALA C 121 16.44 3.16 -0.06
CA ALA C 121 15.24 3.21 0.76
C ALA C 121 15.19 4.58 1.40
N GLY C 122 14.06 5.26 1.25
CA GLY C 122 13.87 6.60 1.77
C GLY C 122 14.05 7.75 0.77
N GLN C 123 14.49 7.44 -0.46
CA GLN C 123 14.63 8.47 -1.50
C GLN C 123 13.69 8.29 -2.67
N GLU C 124 12.66 7.49 -2.47
CA GLU C 124 11.67 7.26 -3.49
C GLU C 124 10.93 8.55 -3.86
N SER C 125 10.81 9.46 -2.91
CA SER C 125 10.11 10.72 -3.12
C SER C 125 10.56 11.49 -4.33
N ASP C 126 11.88 11.49 -4.57
CA ASP C 126 12.44 12.27 -5.67
C ASP C 126 11.89 11.78 -7.00
N TYR C 127 11.67 10.47 -7.09
CA TYR C 127 11.20 9.85 -8.31
C TYR C 127 9.70 10.04 -8.47
N ILE C 128 8.98 10.11 -7.34
CA ILE C 128 7.57 10.47 -7.40
C ILE C 128 7.45 11.93 -7.90
N ASP C 129 8.25 12.84 -7.34
CA ASP C 129 8.24 14.24 -7.80
C ASP C 129 8.50 14.38 -9.29
N ILE C 130 9.42 13.60 -9.85
CA ILE C 130 9.67 13.65 -11.30
C ILE C 130 8.45 13.17 -12.10
N ASP C 131 7.86 12.06 -11.65
CA ASP C 131 6.65 11.53 -12.28
C ASP C 131 5.54 12.57 -12.29
N ALA C 132 5.37 13.28 -11.16
CA ALA C 132 4.35 14.35 -11.09
C ALA C 132 4.72 15.46 -12.06
N GLU C 133 6.02 15.79 -12.12
CA GLU C 133 6.47 16.91 -12.97
C GLU C 133 6.26 16.63 -14.45
N ILE C 134 6.47 15.39 -14.86
CA ILE C 134 6.23 15.02 -16.25
C ILE C 134 4.74 15.16 -16.60
N ALA C 135 3.88 14.62 -15.75
CA ALA C 135 2.43 14.71 -15.97
C ALA C 135 1.97 16.15 -16.10
N GLU C 136 2.59 17.03 -15.32
CA GLU C 136 2.20 18.43 -15.25
C GLU C 136 2.51 19.18 -16.55
N HIS C 137 3.46 18.65 -17.33
CA HIS C 137 3.85 19.24 -18.63
C HIS C 137 3.29 18.49 -19.85
N LEU C 138 2.48 17.46 -19.66
CA LEU C 138 1.88 16.73 -20.80
C LEU C 138 0.76 17.56 -21.42
#